data_4EST
#
_entry.id   4EST
#
_cell.length_a   51.240
_cell.length_b   58.170
_cell.length_c   75.540
_cell.angle_alpha   90.00
_cell.angle_beta   90.00
_cell.angle_gamma   90.00
#
_symmetry.space_group_name_H-M   'P 21 21 21'
#
loop_
_entity.id
_entity.type
_entity.pdbx_description
1 polymer ELASTASE
2 polymer 'INHIBITOR ACE-ALA-PRO-VAI-DIFLUORO-N-PHENYLETHYLACETAMIDE'
3 non-polymer 'SULFATE ION'
4 non-polymer 'CALCIUM ION'
5 water water
#
loop_
_entity_poly.entity_id
_entity_poly.type
_entity_poly.pdbx_seq_one_letter_code
_entity_poly.pdbx_strand_id
1 'polypeptide(L)'
;VVGGTEAQRNSWPSQISLQYRSGSSWAHTCGGTLIRQNWVMTAAHCVDRELTFRVVVGEHNLNQNNGTEQYVGVQKIVVH
PYWNTDDVAAGYDIALLRLAQSVTLNSYVQLGVLPRAGTILANNSPCYITGWGLTRTNGQLAQTLQQAYLPTVDYAICSS
SSYWGSTVKNSMVCAGGDGVRSGCQGDSGGPLHCLVNGQYAVHGVTSFVSRLGCNVTRKPTVFTRVSAYISWINNVIASN
;
E
2 'polypeptide(L)' (ACE)AP(VAI)(FPA)(PEA) I
#
# COMPACT_ATOMS: atom_id res chain seq x y z
N VAL A 1 10.62 -2.62 1.10
CA VAL A 1 10.74 -3.58 0.01
C VAL A 1 12.12 -4.32 0.02
N VAL A 2 12.09 -5.64 0.15
CA VAL A 2 13.26 -6.45 0.12
C VAL A 2 13.48 -6.80 -1.34
N GLY A 3 14.70 -6.72 -1.86
CA GLY A 3 14.94 -7.13 -3.24
C GLY A 3 14.40 -6.17 -4.31
N GLY A 4 14.22 -4.91 -3.93
CA GLY A 4 13.78 -3.86 -4.81
C GLY A 4 14.89 -3.37 -5.72
N THR A 5 14.53 -2.52 -6.69
CA THR A 5 15.45 -1.60 -7.31
C THR A 5 14.90 -0.18 -7.09
N GLU A 6 15.71 0.88 -7.13
CA GLU A 6 15.30 2.21 -6.97
C GLU A 6 14.33 2.54 -8.10
N ALA A 7 13.17 3.09 -7.75
CA ALA A 7 12.19 3.63 -8.72
C ALA A 7 12.71 4.89 -9.46
N GLN A 8 12.26 5.10 -10.71
CA GLN A 8 12.46 6.40 -11.33
C GLN A 8 11.54 7.45 -10.70
N ARG A 9 11.87 8.75 -10.68
CA ARG A 9 11.10 9.79 -10.00
C ARG A 9 9.67 9.89 -10.41
N ASN A 10 9.40 9.54 -11.65
CA ASN A 10 8.09 9.85 -12.18
C ASN A 10 7.31 8.60 -12.48
N SER A 11 7.82 7.44 -12.08
CA SER A 11 7.19 6.17 -12.38
C SER A 11 5.86 5.94 -11.67
N TRP A 12 5.77 6.24 -10.40
CA TRP A 12 4.63 5.88 -9.63
C TRP A 12 4.03 7.08 -8.87
N PRO A 13 3.42 8.00 -9.60
CA PRO A 13 3.13 9.33 -9.08
C PRO A 13 1.92 9.37 -8.15
N SER A 14 1.25 8.22 -8.01
CA SER A 14 0.19 8.09 -7.03
C SER A 14 0.65 7.67 -5.65
N GLN A 15 1.92 7.25 -5.51
CA GLN A 15 2.46 6.83 -4.21
C GLN A 15 2.64 8.02 -3.25
N ILE A 16 2.15 7.93 -2.01
CA ILE A 16 2.41 8.91 -1.02
C ILE A 16 3.20 8.25 0.11
N SER A 17 3.69 9.08 1.01
CA SER A 17 4.27 8.68 2.28
C SER A 17 3.30 9.16 3.36
N LEU A 18 2.86 8.27 4.22
CA LEU A 18 2.10 8.65 5.39
C LEU A 18 3.05 8.74 6.60
N GLN A 19 3.14 9.94 7.17
CA GLN A 19 4.04 10.28 8.27
C GLN A 19 3.33 10.67 9.58
N TYR A 20 3.94 10.38 10.75
CA TYR A 20 3.38 10.85 12.02
C TYR A 20 4.34 11.79 12.74
N ARG A 21 3.79 12.67 13.58
CA ARG A 21 4.57 13.68 14.28
C ARG A 21 5.28 13.07 15.49
N SER A 22 6.62 13.13 15.45
CA SER A 22 7.50 12.40 16.36
C SER A 22 8.49 13.34 17.06
N GLY A 23 8.07 13.89 18.20
CA GLY A 23 8.81 14.91 18.94
C GLY A 23 8.62 16.17 18.10
N SER A 24 9.73 16.66 17.55
CA SER A 24 9.76 17.80 16.68
C SER A 24 9.91 17.34 15.23
N SER A 25 9.86 16.02 14.99
CA SER A 25 10.16 15.52 13.65
C SER A 25 8.93 14.87 13.03
N TRP A 26 8.97 14.49 11.74
CA TRP A 26 7.93 13.73 11.08
C TRP A 26 8.58 12.44 10.62
N ALA A 27 8.08 11.30 11.04
CA ALA A 27 8.63 10.02 10.66
C ALA A 27 7.72 9.30 9.65
N HIS A 28 8.28 8.57 8.68
CA HIS A 28 7.52 7.74 7.73
C HIS A 28 6.99 6.53 8.46
N THR A 29 5.69 6.20 8.29
CA THR A 29 5.14 5.02 8.88
C THR A 29 4.52 4.05 7.88
N CYS A 30 4.02 4.53 6.74
CA CYS A 30 3.18 3.73 5.82
C CYS A 30 3.28 4.32 4.44
N GLY A 31 2.82 3.53 3.48
CA GLY A 31 2.54 4.08 2.17
C GLY A 31 1.04 4.44 2.06
N GLY A 32 0.63 4.92 0.90
CA GLY A 32 -0.75 5.19 0.57
C GLY A 32 -0.85 5.37 -0.94
N THR A 33 -2.08 5.48 -1.50
CA THR A 33 -2.41 5.82 -2.89
C THR A 33 -3.30 7.02 -2.98
N LEU A 34 -2.90 8.05 -3.70
CA LEU A 34 -3.72 9.23 -3.95
C LEU A 34 -4.80 8.88 -4.98
N ILE A 35 -6.06 8.93 -4.60
CA ILE A 35 -7.19 8.47 -5.38
C ILE A 35 -8.12 9.60 -5.71
N ARG A 36 -8.06 10.71 -4.97
CA ARG A 36 -8.60 12.02 -5.38
C ARG A 36 -7.61 13.10 -5.02
N GLN A 37 -7.84 14.35 -5.41
CA GLN A 37 -6.92 15.43 -4.99
C GLN A 37 -6.92 15.63 -3.49
N ASN A 38 -8.03 15.21 -2.83
CA ASN A 38 -8.26 15.35 -1.41
C ASN A 38 -8.49 14.07 -0.68
N TRP A 39 -8.19 12.89 -1.30
CA TRP A 39 -8.46 11.59 -0.65
C TRP A 39 -7.31 10.61 -0.91
N VAL A 40 -6.83 9.95 0.14
CA VAL A 40 -5.75 8.99 0.11
C VAL A 40 -6.33 7.63 0.54
N MET A 41 -5.96 6.53 -0.12
CA MET A 41 -6.36 5.23 0.31
C MET A 41 -5.13 4.56 0.97
N THR A 42 -5.26 4.01 2.19
CA THR A 42 -4.16 3.41 2.94
C THR A 42 -4.65 2.15 3.60
N ALA A 43 -3.88 1.51 4.51
CA ALA A 43 -4.38 0.40 5.33
C ALA A 43 -4.97 0.92 6.62
N ALA A 44 -6.04 0.29 7.09
CA ALA A 44 -6.55 0.58 8.40
C ALA A 44 -5.43 0.49 9.45
N HIS A 45 -4.66 -0.59 9.49
CA HIS A 45 -3.77 -0.75 10.63
C HIS A 45 -2.73 0.35 10.79
N CYS A 46 -2.46 1.16 9.75
CA CYS A 46 -1.51 2.24 9.73
C CYS A 46 -2.11 3.46 10.44
N VAL A 47 -3.39 3.49 10.71
CA VAL A 47 -3.94 4.56 11.50
C VAL A 47 -4.72 4.03 12.72
N ASP A 48 -4.29 2.92 13.30
CA ASP A 48 -4.82 2.47 14.58
C ASP A 48 -4.27 3.34 15.75
N ARG A 49 -3.11 3.97 15.63
CA ARG A 49 -2.62 4.85 16.68
C ARG A 49 -3.27 6.21 16.52
N GLU A 50 -3.61 6.87 17.64
CA GLU A 50 -4.13 8.24 17.59
C GLU A 50 -3.00 9.27 17.49
N LEU A 51 -2.25 9.30 16.38
CA LEU A 51 -1.11 10.16 16.14
C LEU A 51 -1.59 11.36 15.34
N THR A 52 -0.71 12.33 15.14
CA THR A 52 -0.99 13.42 14.21
C THR A 52 -0.39 13.00 12.87
N PHE A 53 -1.15 12.83 11.79
CA PHE A 53 -0.67 12.33 10.52
C PHE A 53 -0.47 13.45 9.49
N ARG A 54 0.49 13.29 8.58
CA ARG A 54 0.52 14.10 7.36
C ARG A 54 0.86 13.25 6.14
N VAL A 55 0.49 13.75 4.98
CA VAL A 55 0.62 13.00 3.80
C VAL A 55 1.62 13.79 2.97
N VAL A 56 2.61 13.11 2.38
CA VAL A 56 3.54 13.74 1.44
C VAL A 56 3.33 13.15 0.05
N VAL A 57 2.99 13.99 -0.93
CA VAL A 57 2.95 13.58 -2.33
C VAL A 57 4.16 14.15 -3.07
N GLY A 58 4.47 13.54 -4.23
CA GLY A 58 5.63 13.92 -5.07
C GLY A 58 6.97 13.61 -4.41
N GLU A 59 6.99 12.64 -3.48
CA GLU A 59 8.12 12.35 -2.59
C GLU A 59 8.93 11.29 -3.27
N HIS A 60 10.24 11.44 -3.33
CA HIS A 60 11.17 10.45 -3.83
C HIS A 60 12.21 10.03 -2.78
N ASN A 61 13.01 10.95 -2.22
CA ASN A 61 13.96 10.68 -1.14
C ASN A 61 13.42 11.21 0.20
N LEU A 62 13.27 10.36 1.22
CA LEU A 62 12.68 10.78 2.49
C LEU A 62 13.50 11.90 3.12
N ASN A 63 14.81 11.89 2.93
CA ASN A 63 15.75 12.70 3.68
C ASN A 63 16.34 13.84 2.86
N GLN A 64 15.86 14.12 1.68
CA GLN A 64 16.43 15.24 0.94
C GLN A 64 15.28 16.07 0.41
N ASN A 65 15.51 17.32 0.04
CA ASN A 65 14.59 18.09 -0.74
C ASN A 65 14.67 17.64 -2.21
N ASN A 66 13.56 17.16 -2.75
CA ASN A 66 13.49 16.69 -4.12
C ASN A 66 13.02 17.85 -5.01
N GLY A 67 12.46 18.89 -4.39
CA GLY A 67 12.04 20.01 -5.17
C GLY A 67 10.60 19.74 -5.66
N THR A 68 10.02 18.58 -5.34
CA THR A 68 8.71 18.23 -5.88
C THR A 68 7.59 17.97 -4.85
N GLU A 69 7.93 17.89 -3.56
CA GLU A 69 7.01 17.49 -2.48
C GLU A 69 5.88 18.50 -2.32
N GLN A 70 4.66 18.03 -1.94
CA GLN A 70 3.61 18.80 -1.26
C GLN A 70 3.12 18.09 -0.01
N TYR A 71 3.14 18.81 1.10
CA TYR A 71 2.95 18.30 2.47
C TYR A 71 1.63 18.81 3.00
N VAL A 72 0.72 17.87 3.29
CA VAL A 72 -0.72 18.09 3.50
C VAL A 72 -1.14 17.33 4.72
N GLY A 73 -1.84 17.97 5.65
CA GLY A 73 -2.45 17.46 6.85
C GLY A 73 -3.68 16.58 6.52
N VAL A 74 -4.02 15.66 7.41
CA VAL A 74 -5.19 14.78 7.34
C VAL A 74 -6.25 15.32 8.27
N GLN A 75 -7.43 15.59 7.68
CA GLN A 75 -8.55 16.24 8.27
C GLN A 75 -9.60 15.23 8.75
N LYS A 76 -9.69 14.03 8.16
CA LYS A 76 -10.67 13.03 8.57
C LYS A 76 -10.16 11.61 8.24
N ILE A 77 -10.30 10.67 9.16
CA ILE A 77 -9.91 9.31 8.89
C ILE A 77 -11.18 8.46 8.95
N VAL A 78 -11.46 7.71 7.90
CA VAL A 78 -12.56 6.77 7.83
C VAL A 78 -12.01 5.34 7.63
N VAL A 79 -12.12 4.56 8.68
CA VAL A 79 -11.62 3.21 8.63
C VAL A 79 -12.82 2.37 8.23
N HIS A 80 -12.61 1.21 7.62
CA HIS A 80 -13.67 0.28 7.30
C HIS A 80 -14.33 -0.14 8.62
N PRO A 81 -15.66 0.02 8.71
CA PRO A 81 -16.42 -0.35 9.88
C PRO A 81 -16.23 -1.82 10.32
N TYR A 82 -15.82 -2.73 9.43
CA TYR A 82 -15.52 -4.13 9.88
C TYR A 82 -14.13 -4.37 10.42
N TRP A 83 -13.20 -3.39 10.32
CA TRP A 83 -11.79 -3.50 10.67
C TRP A 83 -11.71 -3.86 12.14
N ASN A 84 -10.88 -4.85 12.45
CA ASN A 84 -10.55 -5.20 13.82
C ASN A 84 -9.03 -5.31 14.01
N THR A 85 -8.46 -4.38 14.81
CA THR A 85 -7.05 -4.31 15.19
C THR A 85 -6.46 -5.70 15.52
N ASP A 86 -7.22 -6.45 16.30
CA ASP A 86 -6.83 -7.73 16.84
C ASP A 86 -6.96 -8.87 15.82
N ASP A 87 -7.51 -8.60 14.62
CA ASP A 87 -7.66 -9.64 13.64
C ASP A 87 -7.34 -9.17 12.21
N VAL A 88 -6.08 -8.94 11.81
CA VAL A 88 -5.70 -8.62 10.42
C VAL A 88 -6.16 -9.69 9.45
N ALA A 89 -6.03 -10.93 9.89
CA ALA A 89 -6.36 -12.06 9.07
C ALA A 89 -7.83 -12.09 8.70
N ALA A 90 -8.70 -11.32 9.38
CA ALA A 90 -10.11 -11.20 9.00
C ALA A 90 -10.30 -10.38 7.72
N GLY A 91 -9.35 -9.47 7.46
CA GLY A 91 -9.37 -8.61 6.29
C GLY A 91 -9.87 -7.22 6.72
N TYR A 92 -10.48 -6.47 5.80
CA TYR A 92 -11.02 -5.13 5.88
C TYR A 92 -9.89 -4.20 6.27
N ASP A 93 -8.67 -4.52 5.86
CA ASP A 93 -7.57 -3.58 6.14
C ASP A 93 -7.44 -2.42 5.17
N ILE A 94 -8.33 -1.41 5.29
CA ILE A 94 -8.40 -0.34 4.31
C ILE A 94 -8.97 0.85 5.06
N ALA A 95 -8.55 2.04 4.66
CA ALA A 95 -8.96 3.33 5.18
C ALA A 95 -8.85 4.39 4.10
N LEU A 96 -9.76 5.35 4.22
CA LEU A 96 -9.74 6.58 3.47
C LEU A 96 -9.38 7.72 4.42
N LEU A 97 -8.52 8.61 3.94
CA LEU A 97 -8.01 9.73 4.66
C LEU A 97 -8.43 10.90 3.81
N ARG A 98 -9.20 11.83 4.38
CA ARG A 98 -9.51 13.11 3.78
C ARG A 98 -8.44 14.20 4.13
N LEU A 99 -7.83 14.83 3.12
CA LEU A 99 -6.74 15.79 3.23
C LEU A 99 -7.27 17.20 3.47
N ALA A 100 -6.54 18.00 4.25
CA ALA A 100 -6.97 19.28 4.73
C ALA A 100 -7.13 20.21 3.52
N GLN A 101 -6.34 19.92 2.49
CA GLN A 101 -6.18 20.71 1.28
C GLN A 101 -6.28 19.71 0.14
N SER A 102 -6.66 20.21 -1.04
CA SER A 102 -6.46 19.50 -2.29
C SER A 102 -5.05 19.75 -2.71
N VAL A 103 -4.39 18.70 -3.22
CA VAL A 103 -3.04 18.79 -3.83
C VAL A 103 -3.23 19.19 -5.29
N THR A 104 -2.16 19.71 -5.94
CA THR A 104 -2.01 20.00 -7.35
C THR A 104 -1.42 18.80 -8.04
N LEU A 105 -2.00 18.46 -9.17
CA LEU A 105 -1.55 17.37 -9.98
C LEU A 105 -0.51 17.86 -11.00
N ASN A 106 0.56 17.10 -11.22
CA ASN A 106 1.64 17.37 -12.19
C ASN A 106 2.31 16.04 -12.57
N SER A 107 3.54 16.04 -13.01
CA SER A 107 4.02 14.76 -13.45
C SER A 107 4.50 13.82 -12.33
N TYR A 108 4.57 14.36 -11.12
CA TYR A 108 5.03 13.73 -9.90
C TYR A 108 3.84 13.36 -9.03
N VAL A 109 2.67 13.96 -9.30
CA VAL A 109 1.47 13.85 -8.47
C VAL A 109 0.28 13.52 -9.37
N GLN A 110 -0.12 12.27 -9.47
CA GLN A 110 -1.28 11.87 -10.20
C GLN A 110 -2.22 11.01 -9.37
N LEU A 111 -3.42 10.72 -9.87
CA LEU A 111 -4.29 9.80 -9.12
C LEU A 111 -4.01 8.36 -9.50
N GLY A 112 -4.20 7.41 -8.60
CA GLY A 112 -4.10 6.01 -8.87
C GLY A 112 -5.41 5.60 -9.55
N VAL A 113 -5.29 4.71 -10.53
CA VAL A 113 -6.39 4.16 -11.31
C VAL A 113 -6.88 2.92 -10.60
N LEU A 114 -8.19 2.85 -10.25
CA LEU A 114 -8.71 1.75 -9.51
C LEU A 114 -9.32 0.77 -10.51
N PRO A 115 -9.21 -0.54 -10.20
CA PRO A 115 -9.88 -1.63 -10.88
C PRO A 115 -11.39 -1.42 -10.90
N ARG A 116 -12.03 -2.10 -11.87
CA ARG A 116 -13.46 -2.35 -11.79
C ARG A 116 -13.81 -3.27 -10.61
N ALA A 117 -14.93 -3.00 -9.91
CA ALA A 117 -15.42 -3.85 -8.82
C ALA A 117 -15.51 -5.32 -9.26
N GLY A 118 -14.99 -6.24 -8.44
CA GLY A 118 -15.11 -7.68 -8.62
C GLY A 118 -13.93 -8.25 -9.42
N THR A 119 -13.04 -7.42 -9.94
CA THR A 119 -11.93 -7.88 -10.76
C THR A 119 -10.97 -8.82 -10.03
N ILE A 120 -10.74 -10.02 -10.53
CA ILE A 120 -9.71 -10.93 -9.98
C ILE A 120 -8.71 -11.09 -11.13
N LEU A 121 -7.43 -11.07 -10.84
CA LEU A 121 -6.37 -11.32 -11.81
C LEU A 121 -6.11 -12.84 -11.83
N ALA A 122 -5.53 -13.23 -12.93
CA ALA A 122 -5.14 -14.61 -13.14
C ALA A 122 -3.82 -14.80 -12.45
N ASN A 123 -3.49 -16.06 -12.22
CA ASN A 123 -2.32 -16.37 -11.53
C ASN A 123 -1.12 -15.95 -12.34
N ASN A 124 -0.13 -15.45 -11.64
CA ASN A 124 1.04 -14.98 -12.28
C ASN A 124 0.91 -13.67 -13.05
N SER A 125 0.01 -12.77 -12.62
CA SER A 125 -0.21 -11.45 -13.24
C SER A 125 0.87 -10.49 -12.78
N PRO A 126 1.47 -9.74 -13.73
CA PRO A 126 2.60 -8.83 -13.55
C PRO A 126 2.23 -7.59 -12.75
N CYS A 127 2.81 -7.48 -11.56
CA CYS A 127 2.51 -6.38 -10.70
C CYS A 127 3.82 -5.95 -10.03
N TYR A 128 3.83 -4.67 -9.58
CA TYR A 128 4.97 -4.14 -8.88
C TYR A 128 4.46 -3.73 -7.51
N ILE A 129 5.29 -3.85 -6.46
CA ILE A 129 5.07 -3.24 -5.13
C ILE A 129 6.00 -2.05 -5.08
N THR A 130 5.57 -0.92 -4.48
CA THR A 130 6.44 0.21 -4.29
C THR A 130 6.42 0.69 -2.84
N GLY A 131 7.51 1.29 -2.31
CA GLY A 131 7.46 1.58 -0.89
C GLY A 131 8.80 2.11 -0.41
N TRP A 132 8.80 2.78 0.75
CA TRP A 132 10.02 3.13 1.42
C TRP A 132 10.24 2.19 2.59
N GLY A 133 9.60 1.02 2.62
CA GLY A 133 9.80 0.09 3.74
C GLY A 133 11.17 -0.57 3.87
N LEU A 134 11.40 -1.23 5.04
CA LEU A 134 12.67 -1.95 5.36
C LEU A 134 13.17 -2.73 4.13
N THR A 135 14.44 -2.62 3.84
CA THR A 135 15.00 -3.28 2.70
C THR A 135 15.59 -4.65 3.03
N ARG A 136 15.55 -5.11 4.30
CA ARG A 136 15.85 -6.44 4.80
C ARG A 136 14.92 -6.62 5.99
N THR A 137 14.59 -7.88 6.32
CA THR A 137 13.89 -8.27 7.53
C THR A 137 14.74 -7.72 8.68
N ASN A 138 14.14 -6.91 9.57
CA ASN A 138 14.75 -6.28 10.75
C ASN A 138 15.86 -5.30 10.39
N GLY A 139 15.79 -4.75 9.16
CA GLY A 139 16.74 -3.90 8.46
C GLY A 139 16.37 -2.46 8.75
N GLN A 140 16.58 -1.59 7.80
CA GLN A 140 16.10 -0.21 7.94
C GLN A 140 15.30 0.25 6.76
N LEU A 141 14.63 1.41 6.87
CA LEU A 141 13.81 1.96 5.77
C LEU A 141 14.73 2.33 4.63
N ALA A 142 14.14 2.46 3.42
CA ALA A 142 14.90 2.93 2.26
C ALA A 142 14.80 4.46 2.28
N GLN A 143 15.82 5.15 1.77
CA GLN A 143 15.78 6.62 1.62
C GLN A 143 14.97 6.99 0.38
N THR A 144 15.10 6.20 -0.71
CA THR A 144 14.50 6.44 -1.99
C THR A 144 13.48 5.38 -2.28
N LEU A 145 12.48 5.72 -3.06
CA LEU A 145 11.38 4.79 -3.41
C LEU A 145 11.90 3.57 -4.15
N GLN A 146 11.63 2.40 -3.57
CA GLN A 146 12.06 1.10 -4.11
C GLN A 146 10.86 0.52 -4.84
N GLN A 147 11.15 -0.28 -5.86
CA GLN A 147 10.12 -1.06 -6.54
C GLN A 147 10.57 -2.53 -6.62
N ALA A 148 9.63 -3.48 -6.66
CA ALA A 148 9.89 -4.90 -6.77
C ALA A 148 8.84 -5.55 -7.64
N TYR A 149 9.25 -6.37 -8.63
CA TYR A 149 8.39 -7.17 -9.50
C TYR A 149 7.85 -8.34 -8.72
N LEU A 150 6.54 -8.28 -8.50
CA LEU A 150 5.91 -9.20 -7.58
C LEU A 150 4.64 -9.85 -8.22
N PRO A 151 4.74 -10.94 -8.99
CA PRO A 151 3.63 -11.51 -9.74
C PRO A 151 2.59 -12.16 -8.82
N THR A 152 1.29 -12.12 -9.18
CA THR A 152 0.31 -12.60 -8.25
C THR A 152 0.30 -14.13 -8.08
N VAL A 153 -0.24 -14.61 -6.95
CA VAL A 153 -0.43 -15.98 -6.62
C VAL A 153 -1.89 -16.12 -6.26
N ASP A 154 -2.61 -16.89 -7.09
CA ASP A 154 -4.05 -17.00 -7.00
C ASP A 154 -4.51 -17.57 -5.66
N TYR A 155 -5.77 -17.28 -5.34
CA TYR A 155 -6.41 -17.62 -4.14
C TYR A 155 -6.25 -19.09 -3.81
N ALA A 156 -6.57 -19.97 -4.74
CA ALA A 156 -6.43 -21.40 -4.71
C ALA A 156 -5.03 -21.80 -4.31
N ILE A 157 -4.03 -21.15 -4.87
CA ILE A 157 -2.76 -21.58 -4.41
C ILE A 157 -2.45 -20.93 -3.06
N CYS A 158 -2.70 -19.62 -2.92
CA CYS A 158 -2.27 -18.92 -1.76
C CYS A 158 -2.88 -19.49 -0.48
N SER A 159 -4.10 -20.01 -0.57
CA SER A 159 -4.77 -20.51 0.59
C SER A 159 -4.40 -21.96 0.89
N SER A 160 -3.49 -22.51 0.11
CA SER A 160 -3.27 -23.90 0.26
C SER A 160 -2.28 -23.99 1.40
N SER A 161 -2.16 -25.18 1.93
CA SER A 161 -1.50 -25.33 3.22
C SER A 161 -0.02 -24.98 3.16
N SER A 162 0.62 -25.13 2.00
CA SER A 162 2.06 -24.95 1.96
C SER A 162 2.39 -23.47 2.08
N TYR A 163 1.42 -22.66 1.61
CA TYR A 163 1.44 -21.21 1.48
C TYR A 163 0.81 -20.60 2.71
N TRP A 164 -0.28 -19.85 2.61
CA TRP A 164 -0.81 -19.13 3.75
C TRP A 164 -1.93 -19.86 4.46
N GLY A 165 -2.45 -20.92 3.84
CA GLY A 165 -3.59 -21.64 4.35
C GLY A 165 -4.72 -20.67 4.54
N SER A 166 -5.37 -20.81 5.66
CA SER A 166 -6.62 -20.23 6.00
C SER A 166 -6.49 -18.76 6.37
N THR A 167 -5.27 -18.29 6.55
CA THR A 167 -5.01 -16.95 6.98
C THR A 167 -5.50 -15.95 5.91
N VAL A 168 -5.39 -16.32 4.64
CA VAL A 168 -5.75 -15.44 3.55
C VAL A 168 -7.19 -15.67 3.10
N LYS A 169 -7.91 -14.59 2.79
CA LYS A 169 -9.28 -14.67 2.39
C LYS A 169 -9.33 -14.27 0.92
N ASN A 170 -10.50 -14.42 0.33
CA ASN A 170 -10.71 -14.11 -1.04
C ASN A 170 -10.90 -12.60 -1.19
N SER A 171 -10.87 -11.87 -0.06
CA SER A 171 -10.88 -10.42 -0.14
C SER A 171 -9.46 -9.90 -0.18
N MET A 172 -8.48 -10.79 -0.36
CA MET A 172 -7.08 -10.39 -0.38
C MET A 172 -6.43 -10.76 -1.72
N VAL A 173 -5.27 -10.15 -2.05
CA VAL A 173 -4.38 -10.52 -3.16
C VAL A 173 -3.06 -10.95 -2.59
N CYS A 174 -2.53 -12.03 -3.09
CA CYS A 174 -1.20 -12.48 -2.72
C CYS A 174 -0.26 -12.20 -3.90
N ALA A 175 0.93 -11.67 -3.64
CA ALA A 175 1.88 -11.44 -4.70
C ALA A 175 3.25 -11.86 -4.20
N GLY A 176 4.03 -12.59 -4.99
CA GLY A 176 5.42 -12.84 -4.70
C GLY A 176 5.67 -14.23 -4.14
N GLY A 177 6.41 -14.32 -3.05
CA GLY A 177 6.66 -15.57 -2.33
C GLY A 177 7.88 -16.31 -2.89
N ASP A 178 8.79 -15.62 -3.57
CA ASP A 178 9.97 -16.26 -4.11
C ASP A 178 11.16 -16.44 -3.17
N GLY A 179 11.09 -15.80 -1.99
CA GLY A 179 12.16 -15.83 -1.03
C GLY A 179 13.11 -14.64 -1.16
N VAL A 180 13.05 -13.90 -2.26
CA VAL A 180 13.99 -12.85 -2.62
C VAL A 180 13.30 -11.49 -2.59
N ARG A 181 12.11 -11.36 -3.18
CA ARG A 181 11.50 -10.01 -3.23
C ARG A 181 10.24 -10.05 -2.38
N SER A 182 9.95 -9.03 -1.58
CA SER A 182 8.74 -8.94 -0.81
C SER A 182 8.44 -7.48 -0.46
N GLY A 183 7.26 -7.24 0.18
CA GLY A 183 6.91 -6.10 1.00
C GLY A 183 7.68 -6.29 2.32
N CYS A 184 7.85 -5.23 3.13
CA CYS A 184 8.37 -5.42 4.45
C CYS A 184 7.86 -4.26 5.32
N GLN A 185 8.10 -4.22 6.65
CA GLN A 185 7.60 -3.16 7.52
C GLN A 185 7.86 -1.74 7.02
N GLY A 186 6.83 -0.89 6.99
CA GLY A 186 6.94 0.45 6.37
C GLY A 186 6.44 0.50 4.93
N ASP A 187 6.20 -0.65 4.28
CA ASP A 187 5.50 -0.68 2.98
C ASP A 187 3.99 -0.73 3.17
N SER A 188 3.47 -1.10 4.34
CA SER A 188 2.04 -1.23 4.65
C SER A 188 1.16 -0.06 4.24
N GLY A 189 0.03 -0.27 3.56
CA GLY A 189 -0.87 0.79 3.13
C GLY A 189 -0.59 1.23 1.72
N GLY A 190 0.58 0.88 1.15
CA GLY A 190 0.94 1.25 -0.20
C GLY A 190 0.22 0.43 -1.27
N PRO A 191 0.51 0.78 -2.51
CA PRO A 191 0.04 0.15 -3.74
C PRO A 191 0.72 -1.14 -4.19
N LEU A 192 -0.07 -1.93 -4.89
CA LEU A 192 0.40 -3.00 -5.68
C LEU A 192 -0.15 -2.49 -7.00
N HIS A 193 0.72 -2.13 -7.95
CA HIS A 193 0.36 -1.79 -9.32
C HIS A 193 0.42 -2.98 -10.24
N CYS A 194 -0.66 -3.33 -10.95
CA CYS A 194 -0.75 -4.42 -11.92
C CYS A 194 -1.22 -3.97 -13.30
N LEU A 195 -0.53 -4.45 -14.34
CA LEU A 195 -0.73 -4.12 -15.73
C LEU A 195 -1.89 -4.91 -16.32
N VAL A 196 -2.94 -4.18 -16.60
CA VAL A 196 -4.17 -4.69 -17.11
C VAL A 196 -4.53 -3.79 -18.29
N ASN A 197 -4.73 -4.43 -19.44
CA ASN A 197 -5.14 -3.83 -20.70
C ASN A 197 -4.28 -2.60 -20.95
N GLY A 198 -2.98 -2.69 -20.66
CA GLY A 198 -1.99 -1.71 -21.07
C GLY A 198 -1.86 -0.61 -20.06
N GLN A 199 -2.62 -0.63 -18.94
CA GLN A 199 -2.61 0.41 -17.95
C GLN A 199 -2.22 -0.21 -16.61
N TYR A 200 -1.29 0.41 -15.86
CA TYR A 200 -1.15 0.12 -14.43
C TYR A 200 -2.37 0.58 -13.58
N ALA A 201 -3.00 -0.34 -12.87
CA ALA A 201 -3.99 0.06 -11.89
C ALA A 201 -3.63 -0.53 -10.52
N VAL A 202 -4.17 0.09 -9.48
CA VAL A 202 -3.83 -0.29 -8.11
C VAL A 202 -4.77 -1.38 -7.63
N HIS A 203 -4.32 -2.65 -7.66
CA HIS A 203 -5.12 -3.78 -7.21
C HIS A 203 -5.04 -4.12 -5.73
N GLY A 204 -3.96 -3.70 -5.08
CA GLY A 204 -3.70 -4.14 -3.69
C GLY A 204 -3.28 -2.99 -2.77
N VAL A 205 -3.64 -3.06 -1.48
CA VAL A 205 -3.21 -2.13 -0.49
C VAL A 205 -2.41 -2.98 0.49
N THR A 206 -1.11 -2.74 0.60
CA THR A 206 -0.23 -3.69 1.33
C THR A 206 -0.67 -3.87 2.79
N SER A 207 -0.81 -5.11 3.22
CA SER A 207 -1.39 -5.39 4.49
C SER A 207 -0.44 -6.19 5.38
N PHE A 208 0.01 -7.41 5.06
CA PHE A 208 0.90 -8.08 5.98
C PHE A 208 1.93 -8.92 5.32
N VAL A 209 2.94 -9.34 6.10
CA VAL A 209 4.00 -10.29 5.77
C VAL A 209 4.06 -11.35 6.86
N SER A 210 4.83 -12.39 6.66
CA SER A 210 4.95 -13.43 7.67
C SER A 210 5.66 -12.89 8.91
N ARG A 211 5.28 -13.37 10.09
CA ARG A 211 6.02 -13.20 11.32
C ARG A 211 7.44 -13.74 11.20
N LEU A 212 7.68 -14.76 10.39
CA LEU A 212 9.03 -15.29 10.32
C LEU A 212 9.97 -14.39 9.54
N GLY A 213 9.48 -13.40 8.80
CA GLY A 213 10.34 -12.59 7.97
C GLY A 213 9.58 -12.02 6.76
N CYS A 214 10.16 -10.99 6.13
CA CYS A 214 9.53 -10.36 5.01
C CYS A 214 9.63 -11.26 3.81
N ASN A 215 10.86 -11.52 3.36
CA ASN A 215 11.05 -12.33 2.19
C ASN A 215 11.11 -13.82 2.57
N VAL A 216 9.96 -14.48 2.64
CA VAL A 216 9.93 -15.88 3.03
C VAL A 216 9.34 -16.68 1.87
N THR A 217 10.03 -17.74 1.42
CA THR A 217 9.57 -18.59 0.31
C THR A 217 8.20 -19.18 0.61
N ARG A 218 7.27 -19.05 -0.34
CA ARG A 218 5.91 -19.49 -0.13
C ARG A 218 5.15 -18.77 0.99
N LYS A 219 5.61 -17.58 1.38
CA LYS A 219 4.75 -16.60 2.08
C LYS A 219 4.62 -15.28 1.33
N PRO A 220 3.85 -15.19 0.24
CA PRO A 220 3.71 -13.99 -0.54
C PRO A 220 3.28 -12.86 0.36
N THR A 221 3.59 -11.66 -0.08
CA THR A 221 3.09 -10.50 0.62
C THR A 221 1.55 -10.54 0.37
N VAL A 222 0.74 -10.11 1.34
CA VAL A 222 -0.71 -10.16 1.30
C VAL A 222 -1.26 -8.77 1.30
N PHE A 223 -2.17 -8.50 0.37
CA PHE A 223 -2.70 -7.19 0.12
C PHE A 223 -4.21 -7.26 0.29
N THR A 224 -4.82 -6.13 0.67
CA THR A 224 -6.26 -6.02 0.68
C THR A 224 -6.65 -6.00 -0.81
N ARG A 225 -7.70 -6.72 -1.24
CA ARG A 225 -8.11 -6.66 -2.64
C ARG A 225 -8.97 -5.43 -2.98
N VAL A 226 -8.42 -4.40 -3.61
CA VAL A 226 -9.12 -3.15 -3.81
C VAL A 226 -10.48 -3.32 -4.51
N SER A 227 -10.53 -4.18 -5.53
CA SER A 227 -11.74 -4.48 -6.26
C SER A 227 -12.91 -5.00 -5.42
N ALA A 228 -12.62 -5.50 -4.21
CA ALA A 228 -13.60 -5.98 -3.24
C ALA A 228 -14.28 -4.82 -2.58
N TYR A 229 -13.71 -3.60 -2.67
CA TYR A 229 -14.07 -2.42 -1.90
C TYR A 229 -14.55 -1.21 -2.67
N ILE A 230 -14.82 -1.33 -3.96
CA ILE A 230 -15.11 -0.17 -4.79
C ILE A 230 -16.41 0.52 -4.37
N SER A 231 -17.47 -0.22 -3.97
CA SER A 231 -18.74 0.39 -3.60
C SER A 231 -18.62 1.13 -2.27
N TRP A 232 -17.84 0.57 -1.35
CA TRP A 232 -17.46 1.22 -0.11
C TRP A 232 -16.69 2.52 -0.36
N ILE A 233 -15.60 2.45 -1.15
CA ILE A 233 -14.83 3.65 -1.44
C ILE A 233 -15.70 4.79 -2.00
N ASN A 234 -16.50 4.46 -2.99
CA ASN A 234 -17.33 5.41 -3.68
C ASN A 234 -18.39 6.10 -2.77
N ASN A 235 -19.02 5.34 -1.89
CA ASN A 235 -20.00 5.73 -0.88
C ASN A 235 -19.39 6.68 0.17
N VAL A 236 -18.14 6.40 0.60
CA VAL A 236 -17.42 7.29 1.47
C VAL A 236 -17.13 8.64 0.87
N ILE A 237 -16.67 8.64 -0.36
CA ILE A 237 -16.26 9.91 -0.97
C ILE A 237 -17.46 10.79 -1.38
N ALA A 238 -18.52 10.17 -1.91
CA ALA A 238 -19.73 10.92 -2.20
C ALA A 238 -20.33 11.54 -0.93
N SER A 239 -20.01 10.99 0.23
CA SER A 239 -20.77 11.44 1.38
C SER A 239 -19.91 12.17 2.44
N ASN A 240 -18.68 12.52 2.08
CA ASN A 240 -17.87 13.41 2.93
C ASN A 240 -17.22 14.44 2.04
N ALA B 2 2.12 -10.55 9.97
CA ALA B 2 2.86 -9.44 10.53
C ALA B 2 2.64 -8.20 9.64
N PRO B 3 1.53 -7.49 9.88
CA PRO B 3 1.19 -6.29 9.14
C PRO B 3 2.41 -5.41 9.15
#